data_3DCA
#
_entry.id   3DCA
#
_cell.length_a   193.495
_cell.length_b   193.495
_cell.length_c   118.848
_cell.angle_alpha   90.00
_cell.angle_beta   90.00
_cell.angle_gamma   120.00
#
_symmetry.space_group_name_H-M   'H 3'
#
loop_
_entity.id
_entity.type
_entity.pdbx_description
1 polymer RPA0582
2 non-polymer 'SULFATE ION'
#
_entity_poly.entity_id   1
_entity_poly.type   'polypeptide(L)'
_entity_poly.pdbx_seq_one_letter_code
;(MSE)TGHIDPTKEVFAQFRANDREGPIH(MSE)LNLVRLRPRAAYPDGRETTGAEAYAAYGRDSGPVFERLGGKVVWQG
QFEL(MSE)LIGPQDEHWDHVFIAEYPSVAAFVE(MSE)IRDPVYREAVKHRQAAVEDSRLIRLKPLKPGKGFGEIPT
;
_entity_poly.pdbx_strand_id   A,B,C,D
#
# COMPACT_ATOMS: atom_id res chain seq x y z
N THR A 2 22.06 8.02 -20.13
CA THR A 2 20.68 8.58 -20.35
C THR A 2 19.99 9.10 -19.04
N GLY A 3 20.62 10.09 -18.41
CA GLY A 3 20.10 10.74 -17.21
C GLY A 3 20.44 12.21 -17.30
N HIS A 4 19.44 13.06 -17.09
CA HIS A 4 19.56 14.49 -17.31
C HIS A 4 19.64 15.16 -15.96
N ILE A 5 20.80 15.69 -15.64
CA ILE A 5 21.02 16.26 -14.32
C ILE A 5 21.01 17.77 -14.35
N ASP A 6 21.69 18.33 -15.35
CA ASP A 6 21.94 19.76 -15.47
C ASP A 6 21.70 20.24 -16.91
N PRO A 7 21.36 21.52 -17.12
CA PRO A 7 20.95 22.01 -18.45
C PRO A 7 22.11 22.19 -19.43
N THR A 8 21.81 22.35 -20.72
CA THR A 8 22.86 22.62 -21.70
C THR A 8 23.23 24.09 -21.76
N LYS A 9 24.50 24.37 -22.03
CA LYS A 9 24.97 25.70 -22.41
C LYS A 9 24.02 26.35 -23.43
N GLU A 10 23.69 25.59 -24.46
CA GLU A 10 22.92 26.06 -25.61
C GLU A 10 21.51 26.39 -25.21
N VAL A 11 20.90 25.50 -24.42
CA VAL A 11 19.50 25.65 -24.03
C VAL A 11 19.32 26.71 -22.97
N PHE A 12 20.36 26.97 -22.22
CA PHE A 12 20.25 27.96 -21.19
C PHE A 12 20.24 29.35 -21.83
N ALA A 13 20.92 29.54 -22.96
CA ALA A 13 20.77 30.79 -23.72
C ALA A 13 19.33 30.97 -24.07
N GLN A 14 18.75 29.97 -24.71
CA GLN A 14 17.37 30.08 -25.15
C GLN A 14 16.49 30.56 -24.01
N PHE A 15 16.82 30.17 -22.80
CA PHE A 15 16.12 30.60 -21.60
C PHE A 15 16.31 32.08 -21.35
N ARG A 16 17.56 32.54 -21.27
CA ARG A 16 17.82 33.95 -21.04
C ARG A 16 17.29 34.77 -22.21
N ALA A 17 17.37 34.19 -23.40
CA ALA A 17 16.87 34.82 -24.62
C ALA A 17 15.45 35.27 -24.49
N ASN A 18 14.66 34.55 -23.71
CA ASN A 18 13.23 34.71 -23.82
C ASN A 18 12.69 35.86 -23.00
N ASP A 19 12.99 35.89 -21.70
CA ASP A 19 12.68 37.08 -20.84
C ASP A 19 11.38 37.97 -21.02
N ARG A 20 10.23 37.38 -21.39
CA ARG A 20 8.97 38.10 -21.27
C ARG A 20 8.97 38.62 -19.87
N GLU A 21 8.28 39.72 -19.64
CA GLU A 21 8.07 40.19 -18.27
C GLU A 21 6.91 39.38 -17.82
N GLY A 22 7.07 38.63 -16.76
CA GLY A 22 5.95 37.92 -16.14
C GLY A 22 6.61 37.21 -14.99
N PRO A 23 5.89 36.34 -14.29
CA PRO A 23 6.60 35.47 -13.42
C PRO A 23 6.80 34.17 -14.14
N ILE A 24 7.50 33.23 -13.52
CA ILE A 24 7.75 31.97 -14.15
C ILE A 24 7.57 30.84 -13.17
N HIS A 25 7.15 29.72 -13.72
CA HIS A 25 6.86 28.55 -12.96
C HIS A 25 7.73 27.41 -13.44
N LEU A 27 8.47 23.78 -13.17
CA LEU A 27 8.03 22.43 -12.79
C LEU A 27 9.25 21.57 -12.68
N ASN A 28 9.43 21.00 -11.50
CA ASN A 28 10.61 20.26 -11.15
C ASN A 28 10.27 18.81 -10.90
N LEU A 29 10.81 17.91 -11.71
CA LEU A 29 10.61 16.47 -11.49
C LEU A 29 11.93 15.76 -11.22
N VAL A 30 12.21 15.49 -9.94
CA VAL A 30 13.50 14.94 -9.55
C VAL A 30 13.41 13.49 -9.14
N ARG A 31 14.33 12.70 -9.67
CA ARG A 31 14.50 11.32 -9.25
C ARG A 31 15.89 11.09 -8.65
N LEU A 32 15.96 10.96 -7.33
CA LEU A 32 17.24 10.86 -6.66
C LEU A 32 17.84 9.51 -6.87
N ARG A 33 19.17 9.44 -6.87
CA ARG A 33 19.86 8.17 -6.91
C ARG A 33 20.05 7.70 -5.48
N PRO A 34 20.35 6.40 -5.28
CA PRO A 34 20.44 5.86 -3.93
C PRO A 34 21.79 6.10 -3.26
N ARG A 35 22.85 5.95 -4.04
CA ARG A 35 24.19 6.25 -3.56
C ARG A 35 24.59 7.54 -4.23
N ALA A 36 24.75 8.60 -3.43
CA ALA A 36 25.20 9.89 -3.91
C ALA A 36 26.57 9.78 -4.60
N ALA A 37 26.87 10.68 -5.51
CA ALA A 37 28.04 10.57 -6.39
C ALA A 37 29.07 11.69 -6.19
N TYR A 38 29.39 11.98 -4.95
CA TYR A 38 30.39 12.99 -4.67
C TYR A 38 31.75 12.42 -5.12
N PRO A 39 32.51 13.18 -5.96
CA PRO A 39 33.99 13.06 -5.83
C PRO A 39 34.26 13.18 -4.32
N ASP A 40 35.43 12.88 -3.78
CA ASP A 40 35.48 12.79 -2.30
C ASP A 40 34.58 11.63 -1.80
N GLU A 43 30.57 9.11 0.43
CA GLU A 43 29.86 8.07 1.20
C GLU A 43 28.36 8.35 1.59
N THR A 44 27.74 9.49 1.24
CA THR A 44 26.33 9.73 1.67
C THR A 44 25.26 9.05 0.80
N THR A 45 23.98 9.15 1.20
CA THR A 45 22.84 8.68 0.36
C THR A 45 22.37 9.82 -0.51
N GLY A 46 21.52 9.50 -1.46
CA GLY A 46 21.00 10.48 -2.37
C GLY A 46 20.14 11.50 -1.67
N ALA A 47 19.21 11.02 -0.86
CA ALA A 47 18.25 11.92 -0.22
C ALA A 47 18.90 12.86 0.78
N GLU A 48 19.99 12.41 1.41
CA GLU A 48 20.76 13.28 2.30
C GLU A 48 21.43 14.34 1.45
N ALA A 49 22.06 13.92 0.34
CA ALA A 49 22.73 14.84 -0.58
C ALA A 49 21.79 15.91 -1.17
N TYR A 50 20.55 15.53 -1.49
CA TYR A 50 19.57 16.48 -1.99
C TYR A 50 19.21 17.46 -0.88
N ALA A 51 18.88 16.95 0.30
CA ALA A 51 18.51 17.81 1.41
C ALA A 51 19.59 18.85 1.72
N ALA A 52 20.86 18.52 1.50
CA ALA A 52 21.94 19.51 1.54
C ALA A 52 21.62 20.68 0.61
N TYR A 53 21.59 20.41 -0.69
CA TYR A 53 21.19 21.41 -1.68
C TYR A 53 20.06 22.28 -1.18
N GLY A 54 18.98 21.64 -0.72
CA GLY A 54 17.82 22.36 -0.20
C GLY A 54 18.17 23.35 0.91
N ARG A 55 18.85 22.85 1.94
CA ARG A 55 19.27 23.68 3.08
C ARG A 55 20.12 24.86 2.63
N ASP A 56 20.93 24.63 1.60
CA ASP A 56 21.81 25.67 1.09
C ASP A 56 21.16 26.58 0.00
N SER A 57 20.34 26.02 -0.89
CA SER A 57 19.69 26.85 -1.93
C SER A 57 18.56 27.82 -1.49
N GLY A 58 17.82 27.46 -0.44
CA GLY A 58 16.68 28.25 0.04
C GLY A 58 17.07 29.71 0.25
N PRO A 59 17.95 29.98 1.23
CA PRO A 59 18.39 31.34 1.57
C PRO A 59 18.58 32.24 0.36
N VAL A 60 19.31 31.76 -0.64
CA VAL A 60 19.47 32.51 -1.87
C VAL A 60 18.10 32.72 -2.55
N PHE A 61 17.41 31.62 -2.87
CA PHE A 61 16.12 31.69 -3.54
C PHE A 61 15.11 32.60 -2.79
N GLU A 62 15.07 32.53 -1.44
CA GLU A 62 14.18 33.41 -0.63
C GLU A 62 14.48 34.86 -0.98
N ARG A 63 15.77 35.15 -0.96
CA ARG A 63 16.27 36.50 -1.11
C ARG A 63 15.96 37.16 -2.44
N LEU A 64 16.13 36.39 -3.52
CA LEU A 64 15.82 36.85 -4.88
C LEU A 64 14.33 36.68 -5.24
N GLY A 65 13.57 36.14 -4.29
CA GLY A 65 12.11 36.15 -4.38
C GLY A 65 11.48 34.91 -5.02
N GLY A 66 12.24 33.81 -5.06
CA GLY A 66 11.69 32.52 -5.44
C GLY A 66 10.80 32.05 -4.31
N LYS A 67 9.76 31.31 -4.63
CA LYS A 67 8.88 30.70 -3.62
C LYS A 67 8.37 29.38 -4.20
N VAL A 68 8.34 28.32 -3.39
CA VAL A 68 7.75 27.06 -3.82
C VAL A 68 6.24 27.11 -3.64
N VAL A 69 5.52 27.16 -4.76
CA VAL A 69 4.09 27.38 -4.77
C VAL A 69 3.34 26.13 -4.43
N TRP A 70 3.68 25.03 -5.08
CA TRP A 70 2.94 23.78 -4.93
C TRP A 70 3.92 22.64 -4.91
N GLN A 71 3.52 21.54 -4.29
CA GLN A 71 4.39 20.39 -4.13
C GLN A 71 3.58 19.19 -3.67
N GLY A 72 3.72 18.08 -4.39
CA GLY A 72 3.01 16.86 -4.04
C GLY A 72 3.94 15.67 -3.90
N GLN A 73 3.35 14.57 -3.44
CA GLN A 73 4.08 13.37 -3.20
C GLN A 73 3.67 12.34 -4.23
N PHE A 74 4.66 11.77 -4.90
CA PHE A 74 4.40 10.82 -5.96
C PHE A 74 3.70 9.63 -5.40
N GLU A 75 2.55 9.30 -6.00
CA GLU A 75 1.77 8.15 -5.61
C GLU A 75 1.73 7.12 -6.75
N LEU A 76 1.36 7.55 -7.94
CA LEU A 76 1.25 6.61 -9.04
C LEU A 76 1.53 7.22 -10.43
N LEU A 78 -0.34 6.83 -13.42
CA LEU A 78 -1.53 6.31 -14.10
C LEU A 78 -1.44 6.30 -15.65
N ILE A 79 -0.90 7.35 -16.26
CA ILE A 79 -0.58 7.27 -17.67
C ILE A 79 0.88 7.61 -17.78
N GLY A 80 1.59 6.77 -18.51
CA GLY A 80 3.04 6.88 -18.65
C GLY A 80 3.77 5.56 -18.44
N PRO A 81 5.10 5.57 -18.69
CA PRO A 81 5.95 4.39 -18.55
C PRO A 81 6.19 4.04 -17.09
N GLN A 82 5.97 2.77 -16.73
CA GLN A 82 6.12 2.36 -15.34
C GLN A 82 7.57 2.60 -14.82
N ASP A 83 8.57 2.53 -15.71
CA ASP A 83 9.96 2.89 -15.38
C ASP A 83 10.04 4.22 -14.64
N GLU A 84 9.45 5.26 -15.22
CA GLU A 84 9.42 6.61 -14.60
C GLU A 84 8.81 6.60 -13.22
N HIS A 85 9.49 7.25 -12.28
CA HIS A 85 8.92 7.44 -10.96
C HIS A 85 9.71 8.57 -10.28
N TRP A 86 9.04 9.60 -9.83
CA TRP A 86 9.75 10.76 -9.39
C TRP A 86 9.74 10.80 -7.91
N ASP A 87 10.87 11.18 -7.32
CA ASP A 87 11.01 11.22 -5.87
C ASP A 87 10.60 12.61 -5.37
N HIS A 88 10.62 13.63 -6.22
CA HIS A 88 10.16 14.99 -5.85
C HIS A 88 9.43 15.70 -6.96
N VAL A 89 8.28 16.25 -6.66
CA VAL A 89 7.54 17.00 -7.64
C VAL A 89 7.17 18.34 -7.02
N PHE A 90 7.55 19.43 -7.68
CA PHE A 90 7.17 20.72 -7.16
C PHE A 90 7.27 21.85 -8.18
N ILE A 91 6.55 22.93 -7.92
CA ILE A 91 6.59 24.10 -8.78
C ILE A 91 7.09 25.29 -8.00
N ALA A 92 8.25 25.82 -8.42
CA ALA A 92 8.84 27.01 -7.84
C ALA A 92 8.45 28.16 -8.69
N GLU A 93 8.15 29.30 -8.06
CA GLU A 93 7.80 30.51 -8.78
C GLU A 93 8.90 31.52 -8.64
N TYR A 94 9.28 32.19 -9.72
CA TYR A 94 10.21 33.28 -9.65
C TYR A 94 9.55 34.47 -10.29
N PRO A 95 9.83 35.68 -9.81
CA PRO A 95 9.17 36.85 -10.34
C PRO A 95 9.72 37.25 -11.68
N SER A 96 10.86 36.74 -12.11
CA SER A 96 11.39 37.15 -13.41
C SER A 96 12.45 36.19 -13.88
N VAL A 97 12.62 36.09 -15.19
CA VAL A 97 13.65 35.22 -15.72
C VAL A 97 14.96 35.73 -15.17
N ALA A 98 15.04 37.04 -14.92
CA ALA A 98 16.24 37.68 -14.43
C ALA A 98 16.53 37.31 -13.00
N ALA A 99 15.51 37.19 -12.18
CA ALA A 99 15.68 36.73 -10.82
C ALA A 99 16.30 35.35 -10.82
N PHE A 100 15.76 34.47 -11.65
CA PHE A 100 16.27 33.12 -11.75
C PHE A 100 17.73 33.08 -12.17
N VAL A 101 18.11 33.83 -13.19
CA VAL A 101 19.49 33.81 -13.67
C VAL A 101 20.43 34.27 -12.56
N GLU A 102 20.06 35.37 -11.92
CA GLU A 102 20.87 35.94 -10.87
C GLU A 102 21.14 34.96 -9.72
N ILE A 104 21.36 31.50 -10.29
CA ILE A 104 22.32 30.54 -10.84
C ILE A 104 23.76 31.02 -10.78
N ARG A 105 23.94 32.34 -10.65
CA ARG A 105 25.26 32.92 -10.65
C ARG A 105 25.78 33.17 -9.28
N ASP A 106 24.92 33.09 -8.27
CA ASP A 106 25.33 33.37 -6.92
C ASP A 106 26.35 32.34 -6.43
N PRO A 107 27.52 32.79 -5.95
CA PRO A 107 28.50 31.99 -5.22
C PRO A 107 27.91 30.89 -4.36
N VAL A 108 27.00 31.26 -3.46
CA VAL A 108 26.45 30.30 -2.54
C VAL A 108 25.70 29.27 -3.32
N TYR A 109 24.87 29.69 -4.28
CA TYR A 109 24.14 28.70 -5.07
C TYR A 109 25.14 27.83 -5.77
N ARG A 110 26.01 28.45 -6.54
CA ARG A 110 27.01 27.73 -7.33
C ARG A 110 27.69 26.59 -6.55
N GLU A 111 28.08 26.83 -5.29
CA GLU A 111 28.63 25.77 -4.43
C GLU A 111 27.59 24.71 -4.03
N ALA A 112 26.38 25.14 -3.68
CA ALA A 112 25.34 24.22 -3.26
C ALA A 112 24.74 23.35 -4.34
N VAL A 113 24.93 23.69 -5.61
CA VAL A 113 24.39 22.85 -6.66
C VAL A 113 25.27 21.62 -6.80
N LYS A 114 26.52 21.73 -6.36
CA LYS A 114 27.42 20.59 -6.34
C LYS A 114 26.74 19.41 -5.64
N HIS A 115 26.01 19.70 -4.57
CA HIS A 115 25.23 18.68 -3.87
C HIS A 115 24.16 18.08 -4.78
N ARG A 116 23.36 18.92 -5.41
CA ARG A 116 22.32 18.44 -6.31
C ARG A 116 22.96 17.64 -7.43
N GLN A 117 24.07 18.13 -7.96
CA GLN A 117 24.74 17.44 -9.06
C GLN A 117 25.05 15.98 -8.67
N ALA A 118 25.35 15.79 -7.39
CA ALA A 118 25.70 14.47 -6.85
C ALA A 118 24.51 13.59 -6.41
N ALA A 119 23.33 14.17 -6.20
CA ALA A 119 22.18 13.45 -5.66
C ALA A 119 21.24 12.95 -6.73
N VAL A 120 21.17 13.63 -7.86
CA VAL A 120 20.15 13.33 -8.87
C VAL A 120 20.56 12.22 -9.85
N GLU A 121 19.72 11.19 -9.96
CA GLU A 121 19.85 10.16 -11.01
C GLU A 121 19.21 10.68 -12.31
N ASP A 122 18.09 11.40 -12.21
CA ASP A 122 17.49 11.99 -13.40
C ASP A 122 16.48 13.01 -13.01
N SER A 123 16.32 14.04 -13.84
CA SER A 123 15.37 15.11 -13.53
C SER A 123 14.71 15.71 -14.74
N ARG A 124 13.65 16.47 -14.49
CA ARG A 124 13.06 17.40 -15.47
C ARG A 124 12.79 18.75 -14.82
N LEU A 125 13.00 19.80 -15.60
CA LEU A 125 12.80 21.15 -15.13
C LEU A 125 12.20 21.94 -16.28
N ILE A 126 10.91 22.21 -16.20
CA ILE A 126 10.18 22.80 -17.31
C ILE A 126 9.83 24.21 -16.96
N ARG A 127 10.01 25.13 -17.90
CA ARG A 127 9.65 26.51 -17.67
C ARG A 127 8.24 26.78 -18.18
N LEU A 128 7.37 27.31 -17.31
CA LEU A 128 5.97 27.54 -17.66
C LEU A 128 5.50 28.98 -17.39
N LYS A 129 4.73 29.59 -18.29
CA LYS A 129 4.09 30.90 -18.05
C LYS A 129 2.74 30.62 -17.46
N PRO A 130 2.55 30.78 -16.15
CA PRO A 130 1.29 30.42 -15.50
C PRO A 130 0.08 31.12 -16.07
N LEU A 131 -1.06 30.45 -16.05
CA LEU A 131 -2.29 30.97 -16.64
C LEU A 131 -3.43 30.97 -15.59
N LYS A 132 -4.55 31.59 -15.95
CA LYS A 132 -5.77 31.55 -15.10
C LYS A 132 -6.39 30.14 -15.18
N PRO A 133 -6.59 29.45 -14.03
CA PRO A 133 -7.36 28.16 -14.00
C PRO A 133 -8.73 28.11 -14.76
N THR B 2 5.50 3.82 -29.31
CA THR B 2 6.01 4.43 -28.03
C THR B 2 5.30 5.77 -27.68
N GLY B 3 3.98 5.70 -27.51
CA GLY B 3 3.17 6.85 -27.10
C GLY B 3 2.11 6.36 -26.14
N HIS B 4 1.97 7.03 -25.02
CA HIS B 4 1.11 6.59 -23.92
C HIS B 4 -0.13 7.46 -23.91
N ILE B 5 -1.25 6.88 -24.28
CA ILE B 5 -2.47 7.65 -24.40
C ILE B 5 -3.44 7.41 -23.26
N ASP B 6 -3.59 6.14 -22.89
CA ASP B 6 -4.57 5.71 -21.90
C ASP B 6 -3.89 4.74 -20.92
N PRO B 7 -4.41 4.59 -19.68
CA PRO B 7 -3.78 3.77 -18.64
C PRO B 7 -3.97 2.28 -18.81
N THR B 8 -3.20 1.47 -18.10
CA THR B 8 -3.34 0.01 -18.15
C THR B 8 -4.45 -0.50 -17.23
N LYS B 9 -5.13 -1.55 -17.66
CA LYS B 9 -6.01 -2.33 -16.81
C LYS B 9 -5.37 -2.57 -15.43
N GLU B 10 -4.12 -3.05 -15.47
CA GLU B 10 -3.36 -3.51 -14.30
C GLU B 10 -3.06 -2.35 -13.40
N VAL B 11 -2.62 -1.24 -13.98
CA VAL B 11 -2.19 -0.07 -13.21
C VAL B 11 -3.37 0.70 -12.67
N PHE B 12 -4.51 0.59 -13.31
CA PHE B 12 -5.64 1.33 -12.86
C PHE B 12 -6.14 0.68 -11.59
N ALA B 13 -6.00 -0.64 -11.48
CA ALA B 13 -6.35 -1.31 -10.24
C ALA B 13 -5.49 -0.75 -9.14
N GLN B 14 -4.17 -0.71 -9.34
CA GLN B 14 -3.29 -0.17 -8.31
C GLN B 14 -3.75 1.20 -7.83
N PHE B 15 -4.39 1.96 -8.71
CA PHE B 15 -4.96 3.25 -8.39
C PHE B 15 -6.15 3.09 -7.46
N ARG B 16 -7.13 2.29 -7.84
CA ARG B 16 -8.31 2.08 -7.00
C ARG B 16 -7.94 1.42 -5.69
N ALA B 17 -6.91 0.58 -5.75
CA ALA B 17 -6.37 -0.12 -4.59
C ALA B 17 -5.98 0.82 -3.49
N ASN B 18 -5.53 2.01 -3.84
CA ASN B 18 -4.83 2.82 -2.88
C ASN B 18 -5.75 3.62 -1.99
N ASP B 19 -6.65 4.39 -2.56
CA ASP B 19 -7.74 5.09 -1.79
C ASP B 19 -7.53 5.66 -0.35
N ARG B 20 -6.35 6.18 -0.01
CA ARG B 20 -6.22 6.98 1.21
C ARG B 20 -7.32 7.98 1.15
N GLU B 21 -7.82 8.41 2.30
CA GLU B 21 -8.75 9.53 2.30
C GLU B 21 -7.90 10.77 2.21
N GLY B 22 -8.09 11.56 1.17
CA GLY B 22 -7.39 12.83 1.06
C GLY B 22 -7.95 13.38 -0.21
N PRO B 23 -7.42 14.46 -0.70
CA PRO B 23 -7.73 14.81 -2.05
C PRO B 23 -6.59 14.31 -2.90
N ILE B 24 -6.69 14.43 -4.21
CA ILE B 24 -5.64 14.00 -5.10
C ILE B 24 -5.37 15.05 -6.16
N HIS B 25 -4.12 15.06 -6.61
CA HIS B 25 -3.66 15.98 -7.58
C HIS B 25 -3.13 15.21 -8.77
N LEU B 27 -1.35 15.51 -12.03
CA LEU B 27 -0.46 16.25 -12.94
C LEU B 27 -0.62 15.66 -14.31
N ASN B 28 -1.00 16.51 -15.24
CA ASN B 28 -1.35 16.13 -16.59
C ASN B 28 -0.39 16.73 -17.57
N LEU B 29 0.34 15.92 -18.30
CA LEU B 29 1.23 16.44 -19.33
C LEU B 29 0.83 15.91 -20.71
N VAL B 30 0.13 16.73 -21.49
CA VAL B 30 -0.44 16.27 -22.77
C VAL B 30 0.33 16.84 -23.95
N ARG B 31 0.68 15.98 -24.89
CA ARG B 31 1.26 16.39 -26.15
C ARG B 31 0.38 16.00 -27.33
N LEU B 32 -0.34 16.96 -27.89
CA LEU B 32 -1.33 16.66 -28.91
C LEU B 32 -0.67 16.29 -30.21
N ARG B 33 -1.33 15.45 -31.00
CA ARG B 33 -0.85 15.14 -32.34
C ARG B 33 -1.48 16.16 -33.29
N PRO B 34 -0.89 16.34 -34.48
CA PRO B 34 -1.36 17.38 -35.39
C PRO B 34 -2.59 16.99 -36.19
N ARG B 35 -2.64 15.74 -36.63
CA ARG B 35 -3.78 15.21 -37.34
C ARG B 35 -4.44 14.29 -36.34
N ALA B 36 -5.66 14.63 -35.92
CA ALA B 36 -6.45 13.78 -35.05
C ALA B 36 -6.70 12.40 -35.69
N ALA B 37 -6.92 11.38 -34.86
CA ALA B 37 -6.97 9.99 -35.32
C ALA B 37 -8.33 9.32 -35.12
N TYR B 38 -9.39 10.01 -35.49
CA TYR B 38 -10.72 9.43 -35.38
C TYR B 38 -10.82 8.30 -36.43
N PRO B 39 -11.22 7.07 -36.00
CA PRO B 39 -11.97 6.23 -36.98
C PRO B 39 -13.04 7.19 -37.53
N ASP B 40 -13.78 6.92 -38.60
CA ASP B 40 -14.60 8.04 -39.19
C ASP B 40 -13.69 9.13 -39.77
N GLU B 43 -11.16 13.74 -40.13
CA GLU B 43 -10.59 14.94 -40.76
C GLU B 43 -10.19 16.14 -39.83
N THR B 44 -10.41 16.10 -38.52
CA THR B 44 -10.08 17.28 -37.65
C THR B 44 -8.57 17.42 -37.26
N THR B 45 -8.20 18.54 -36.61
CA THR B 45 -6.84 18.70 -36.05
C THR B 45 -6.82 18.19 -34.64
N GLY B 46 -5.62 18.04 -34.10
CA GLY B 46 -5.49 17.53 -32.75
C GLY B 46 -6.08 18.45 -31.73
N ALA B 47 -5.75 19.74 -31.83
CA ALA B 47 -6.17 20.70 -30.82
C ALA B 47 -7.68 20.92 -30.83
N GLU B 48 -8.33 20.76 -31.97
CA GLU B 48 -9.80 20.82 -32.04
C GLU B 48 -10.34 19.59 -31.30
N ALA B 49 -9.77 18.43 -31.61
CA ALA B 49 -10.19 17.17 -30.99
C ALA B 49 -10.05 17.17 -29.47
N TYR B 50 -8.97 17.77 -28.96
CA TYR B 50 -8.80 17.88 -27.52
C TYR B 50 -9.85 18.81 -26.95
N ALA B 51 -10.02 19.98 -27.55
CA ALA B 51 -11.01 20.93 -27.05
C ALA B 51 -12.41 20.30 -26.94
N ALA B 52 -12.74 19.39 -27.86
CA ALA B 52 -13.98 18.60 -27.75
C ALA B 52 -14.02 17.93 -26.38
N TYR B 53 -13.09 17.02 -26.13
CA TYR B 53 -12.96 16.38 -24.83
C TYR B 53 -13.19 17.35 -23.70
N GLY B 54 -12.49 18.48 -23.75
CA GLY B 54 -12.64 19.52 -22.71
C GLY B 54 -14.07 20.01 -22.54
N ARG B 55 -14.69 20.42 -23.63
CA ARG B 55 -16.07 20.89 -23.61
C ARG B 55 -16.98 19.82 -23.02
N ASP B 56 -16.69 18.56 -23.30
CA ASP B 56 -17.53 17.46 -22.84
C ASP B 56 -17.17 16.95 -21.43
N SER B 57 -15.88 16.87 -21.11
CA SER B 57 -15.47 16.38 -19.79
C SER B 57 -15.95 17.33 -18.66
N GLY B 58 -15.63 18.61 -18.76
CA GLY B 58 -15.95 19.60 -17.70
C GLY B 58 -17.19 19.43 -16.85
N PRO B 59 -18.38 19.37 -17.50
CA PRO B 59 -19.69 19.21 -16.83
C PRO B 59 -19.69 18.05 -15.85
N VAL B 60 -19.22 16.89 -16.29
CA VAL B 60 -19.05 15.75 -15.40
C VAL B 60 -18.06 16.08 -14.25
N PHE B 61 -16.83 16.43 -14.60
CA PHE B 61 -15.83 16.74 -13.59
C PHE B 61 -16.33 17.81 -12.59
N GLU B 62 -17.00 18.86 -13.07
CA GLU B 62 -17.52 19.92 -12.17
C GLU B 62 -18.42 19.29 -11.15
N ARG B 63 -19.29 18.43 -11.64
CA ARG B 63 -20.34 17.81 -10.84
C ARG B 63 -19.83 16.89 -9.73
N LEU B 64 -18.84 16.07 -10.04
CA LEU B 64 -18.23 15.19 -9.08
C LEU B 64 -17.13 15.90 -8.25
N GLY B 65 -16.93 17.19 -8.52
CA GLY B 65 -16.11 18.05 -7.67
C GLY B 65 -14.65 18.13 -8.04
N GLY B 66 -14.31 17.76 -9.28
CA GLY B 66 -12.97 18.03 -9.82
C GLY B 66 -12.86 19.52 -10.06
N LYS B 67 -11.65 20.05 -9.92
CA LYS B 67 -11.35 21.47 -10.21
C LYS B 67 -9.92 21.52 -10.74
N VAL B 68 -9.68 22.34 -11.77
CA VAL B 68 -8.32 22.56 -12.27
C VAL B 68 -7.70 23.66 -11.44
N VAL B 69 -6.72 23.26 -10.63
CA VAL B 69 -6.09 24.11 -9.64
C VAL B 69 -5.06 25.04 -10.26
N TRP B 70 -4.18 24.48 -11.08
CA TRP B 70 -3.09 25.23 -11.69
C TRP B 70 -2.89 24.77 -13.11
N GLN B 71 -2.30 25.65 -13.92
CA GLN B 71 -2.13 25.38 -15.32
C GLN B 71 -1.20 26.45 -15.90
N GLY B 72 -0.17 25.98 -16.60
CA GLY B 72 0.79 26.86 -17.25
C GLY B 72 0.99 26.54 -18.71
N GLN B 73 1.73 27.41 -19.36
CA GLN B 73 2.01 27.30 -20.76
C GLN B 73 3.45 26.93 -20.97
N PHE B 74 3.68 25.86 -21.72
CA PHE B 74 5.02 25.37 -21.95
C PHE B 74 5.83 26.44 -22.63
N GLU B 75 6.97 26.77 -22.04
CA GLU B 75 7.91 27.73 -22.59
C GLU B 75 9.21 27.05 -22.97
N LEU B 76 9.81 26.31 -22.04
CA LEU B 76 11.10 25.68 -22.30
C LEU B 76 11.33 24.38 -21.53
N LEU B 78 14.23 23.32 -19.77
CA LEU B 78 15.57 23.66 -19.29
C LEU B 78 16.43 22.43 -18.86
N ILE B 79 15.85 21.47 -18.14
CA ILE B 79 16.53 20.20 -17.92
C ILE B 79 15.63 19.11 -18.45
N GLY B 80 16.19 18.25 -19.27
CA GLY B 80 15.40 17.24 -19.95
C GLY B 80 15.73 17.09 -21.42
N PRO B 81 15.15 16.07 -22.07
CA PRO B 81 15.41 15.79 -23.47
C PRO B 81 14.68 16.78 -24.36
N GLN B 82 15.39 17.37 -25.32
CA GLN B 82 14.81 18.38 -26.19
C GLN B 82 13.60 17.83 -26.97
N ASP B 83 13.62 16.53 -27.30
CA ASP B 83 12.47 15.84 -27.93
C ASP B 83 11.15 16.18 -27.21
N GLU B 84 11.13 15.98 -25.89
CA GLU B 84 9.94 16.26 -25.06
C GLU B 84 9.50 17.70 -25.16
N HIS B 85 8.20 17.88 -25.38
CA HIS B 85 7.62 19.20 -25.35
C HIS B 85 6.11 19.03 -25.21
N TRP B 86 5.53 19.63 -24.18
CA TRP B 86 4.16 19.35 -23.85
C TRP B 86 3.30 20.48 -24.31
N ASP B 87 2.14 20.16 -24.85
CA ASP B 87 1.24 21.17 -25.38
C ASP B 87 0.27 21.63 -24.27
N HIS B 88 0.09 20.83 -23.23
CA HIS B 88 -0.74 21.22 -22.08
C HIS B 88 -0.16 20.73 -20.77
N VAL B 89 -0.09 21.62 -19.79
CA VAL B 89 0.38 21.24 -18.47
C VAL B 89 -0.61 21.75 -17.44
N PHE B 90 -1.14 20.86 -16.63
CA PHE B 90 -2.08 21.30 -15.60
C PHE B 90 -2.28 20.31 -14.46
N ILE B 91 -2.77 20.81 -13.34
CA ILE B 91 -3.03 19.98 -12.19
C ILE B 91 -4.53 20.06 -11.85
N ALA B 92 -5.23 18.92 -11.95
CA ALA B 92 -6.62 18.84 -11.57
C ALA B 92 -6.67 18.23 -10.21
N GLU B 93 -7.57 18.74 -9.39
CA GLU B 93 -7.76 18.25 -8.03
C GLU B 93 -9.07 17.51 -7.93
N TYR B 94 -9.06 16.36 -7.27
CA TYR B 94 -10.29 15.65 -7.00
C TYR B 94 -10.36 15.40 -5.52
N PRO B 95 -11.57 15.45 -4.93
CA PRO B 95 -11.67 15.29 -3.50
C PRO B 95 -11.46 13.87 -3.04
N SER B 96 -11.47 12.90 -3.93
CA SER B 96 -11.29 11.52 -3.51
C SER B 96 -10.94 10.61 -4.67
N VAL B 97 -10.21 9.53 -4.40
CA VAL B 97 -9.91 8.58 -5.46
C VAL B 97 -11.24 8.08 -6.02
N ALA B 98 -12.25 8.05 -5.14
CA ALA B 98 -13.57 7.57 -5.49
C ALA B 98 -14.29 8.53 -6.44
N ALA B 99 -14.16 9.81 -6.20
CA ALA B 99 -14.71 10.80 -7.10
C ALA B 99 -14.14 10.60 -8.48
N PHE B 100 -12.84 10.46 -8.56
CA PHE B 100 -12.20 10.24 -9.83
C PHE B 100 -12.71 9.00 -10.53
N VAL B 101 -12.79 7.87 -9.84
CA VAL B 101 -13.22 6.64 -10.49
C VAL B 101 -14.62 6.81 -11.05
N GLU B 102 -15.50 7.38 -10.24
CA GLU B 102 -16.90 7.57 -10.61
C GLU B 102 -17.06 8.40 -11.89
N ILE B 104 -14.66 8.32 -14.41
CA ILE B 104 -14.24 7.44 -15.50
C ILE B 104 -15.35 6.52 -15.96
N ARG B 105 -16.34 6.31 -15.12
CA ARG B 105 -17.41 5.38 -15.41
C ARG B 105 -18.63 6.04 -15.97
N ASP B 106 -18.69 7.35 -15.89
CA ASP B 106 -19.83 8.08 -16.37
C ASP B 106 -19.97 7.93 -17.89
N PRO B 107 -21.15 7.48 -18.36
CA PRO B 107 -21.55 7.52 -19.75
C PRO B 107 -21.01 8.72 -20.51
N VAL B 108 -21.32 9.93 -20.05
CA VAL B 108 -20.92 11.12 -20.78
C VAL B 108 -19.42 11.16 -20.86
N TYR B 109 -18.71 10.89 -19.77
CA TYR B 109 -17.25 10.89 -19.84
C TYR B 109 -16.84 9.85 -20.83
N ARG B 110 -17.25 8.61 -20.58
CA ARG B 110 -16.86 7.49 -21.44
C ARG B 110 -16.95 7.84 -22.93
N GLU B 111 -18.00 8.50 -23.39
CA GLU B 111 -18.09 8.93 -24.80
C GLU B 111 -17.11 10.05 -25.15
N ALA B 112 -16.96 11.03 -24.26
CA ALA B 112 -16.05 12.16 -24.51
C ALA B 112 -14.56 11.84 -24.48
N VAL B 113 -14.16 10.72 -23.91
CA VAL B 113 -12.75 10.40 -23.89
C VAL B 113 -12.35 9.89 -25.27
N LYS B 114 -13.33 9.40 -26.03
CA LYS B 114 -13.09 8.99 -27.40
C LYS B 114 -12.36 10.13 -28.14
N HIS B 115 -12.76 11.37 -27.85
CA HIS B 115 -12.11 12.53 -28.42
C HIS B 115 -10.64 12.63 -27.96
N ARG B 116 -10.42 12.52 -26.66
CA ARG B 116 -9.05 12.56 -26.15
C ARG B 116 -8.25 11.43 -26.76
N GLN B 117 -8.85 10.24 -26.82
CA GLN B 117 -8.15 9.07 -27.35
C GLN B 117 -7.59 9.39 -28.76
N ALA B 118 -8.33 10.21 -29.51
CA ALA B 118 -7.97 10.59 -30.89
C ALA B 118 -7.04 11.82 -31.04
N ALA B 119 -6.92 12.63 -29.99
CA ALA B 119 -6.16 13.89 -30.06
C ALA B 119 -4.74 13.75 -29.56
N VAL B 120 -4.50 12.85 -28.61
CA VAL B 120 -3.20 12.77 -27.93
C VAL B 120 -2.17 11.92 -28.64
N GLU B 121 -1.01 12.52 -28.95
CA GLU B 121 0.17 11.79 -29.46
C GLU B 121 0.90 11.12 -28.29
N ASP B 122 0.97 11.79 -27.14
CA ASP B 122 1.59 11.22 -25.94
C ASP B 122 1.22 12.02 -24.71
N SER B 123 1.00 11.33 -23.60
CA SER B 123 0.55 11.95 -22.35
C SER B 123 1.38 11.47 -21.15
N ARG B 124 1.35 12.23 -20.05
CA ARG B 124 1.64 11.72 -18.70
C ARG B 124 0.55 12.17 -17.74
N LEU B 125 0.21 11.29 -16.79
CA LEU B 125 -0.80 11.60 -15.79
C LEU B 125 -0.33 11.02 -14.47
N ILE B 126 0.12 11.90 -13.58
CA ILE B 126 0.73 11.46 -12.35
C ILE B 126 -0.19 11.77 -11.18
N ARG B 127 -0.37 10.78 -10.29
CA ARG B 127 -1.21 10.96 -9.13
C ARG B 127 -0.33 11.45 -7.99
N LEU B 128 -0.71 12.56 -7.38
CA LEU B 128 0.07 13.16 -6.29
C LEU B 128 -0.77 13.44 -5.02
N LYS B 129 -0.21 13.16 -3.83
CA LYS B 129 -0.84 13.59 -2.55
C LYS B 129 -0.27 14.96 -2.22
N PRO B 130 -1.02 16.03 -2.44
CA PRO B 130 -0.50 17.37 -2.20
C PRO B 130 0.03 17.57 -0.81
N LEU B 131 1.02 18.43 -0.67
CA LEU B 131 1.65 18.69 0.61
C LEU B 131 1.63 20.19 0.93
N LYS B 132 2.06 20.57 2.13
CA LYS B 132 2.26 22.00 2.49
C LYS B 132 3.51 22.51 1.77
N PRO B 133 3.42 23.63 1.01
CA PRO B 133 4.63 24.35 0.46
C PRO B 133 5.80 24.66 1.44
N THR C 2 -19.03 -30.43 5.45
CA THR C 2 -18.54 -29.52 6.55
C THR C 2 -17.04 -29.11 6.37
N GLY C 3 -16.77 -28.44 5.25
CA GLY C 3 -15.43 -27.92 4.93
C GLY C 3 -15.60 -26.58 4.25
N HIS C 4 -14.87 -25.58 4.72
CA HIS C 4 -15.06 -24.21 4.30
C HIS C 4 -13.92 -23.84 3.39
N ILE C 5 -14.19 -23.66 2.12
CA ILE C 5 -13.11 -23.43 1.17
C ILE C 5 -13.04 -22.00 0.69
N ASP C 6 -14.21 -21.44 0.41
CA ASP C 6 -14.35 -20.11 -0.19
C ASP C 6 -15.46 -19.33 0.58
N PRO C 7 -15.42 -17.99 0.57
CA PRO C 7 -16.34 -17.17 1.37
C PRO C 7 -17.74 -17.07 0.79
N THR C 8 -18.70 -16.59 1.58
CA THR C 8 -20.08 -16.40 1.08
C THR C 8 -20.25 -15.08 0.34
N LYS C 9 -21.11 -15.09 -0.68
CA LYS C 9 -21.62 -13.88 -1.31
C LYS C 9 -22.01 -12.82 -0.27
N GLU C 10 -22.78 -13.27 0.73
CA GLU C 10 -23.38 -12.42 1.75
C GLU C 10 -22.30 -11.83 2.65
N VAL C 11 -21.37 -12.68 3.07
CA VAL C 11 -20.32 -12.28 4.02
C VAL C 11 -19.26 -11.42 3.38
N PHE C 12 -19.10 -11.58 2.08
CA PHE C 12 -18.09 -10.82 1.40
C PHE C 12 -18.55 -9.40 1.26
N ALA C 13 -19.85 -9.17 1.26
CA ALA C 13 -20.38 -7.80 1.25
C ALA C 13 -20.06 -7.15 2.57
N GLN C 14 -20.33 -7.86 3.65
CA GLN C 14 -20.01 -7.34 4.96
C GLN C 14 -18.57 -6.89 5.05
N PHE C 15 -17.69 -7.57 4.31
CA PHE C 15 -16.28 -7.23 4.21
C PHE C 15 -16.10 -5.92 3.47
N ARG C 16 -16.64 -5.80 2.27
CA ARG C 16 -16.48 -4.56 1.51
C ARG C 16 -17.19 -3.42 2.23
N ALA C 17 -18.31 -3.75 2.89
CA ALA C 17 -19.08 -2.79 3.67
C ALA C 17 -18.24 -2.03 4.67
N ASN C 18 -17.22 -2.69 5.21
CA ASN C 18 -16.59 -2.19 6.39
C ASN C 18 -15.56 -1.13 6.11
N ASP C 19 -14.59 -1.41 5.25
CA ASP C 19 -13.62 -0.37 4.76
C ASP C 19 -13.06 0.82 5.65
N ARG C 20 -12.88 0.64 6.96
CA ARG C 20 -12.12 1.59 7.74
C ARG C 20 -10.88 1.80 6.94
N GLU C 21 -10.27 2.98 7.05
CA GLU C 21 -8.95 3.20 6.46
C GLU C 21 -7.98 2.63 7.47
N GLY C 22 -7.21 1.64 7.09
CA GLY C 22 -6.19 1.13 7.97
C GLY C 22 -5.55 0.08 7.11
N PRO C 23 -4.62 -0.70 7.65
CA PRO C 23 -4.24 -1.86 6.93
C PRO C 23 -5.02 -3.00 7.50
N ILE C 24 -4.92 -4.17 6.89
CA ILE C 24 -5.64 -5.32 7.39
C ILE C 24 -4.73 -6.54 7.45
N HIS C 25 -5.07 -7.40 8.39
CA HIS C 25 -4.32 -8.60 8.64
C HIS C 25 -5.22 -9.79 8.46
N LEU C 27 -5.50 -13.47 8.86
CA LEU C 27 -5.05 -14.72 9.47
C LEU C 27 -5.61 -15.86 8.66
N ASN C 28 -4.70 -16.68 8.14
CA ASN C 28 -5.01 -17.73 7.20
C ASN C 28 -4.70 -19.07 7.81
N LEU C 29 -5.70 -19.90 8.00
CA LEU C 29 -5.48 -21.26 8.51
C LEU C 29 -5.92 -22.32 7.51
N VAL C 30 -4.97 -22.91 6.78
CA VAL C 30 -5.30 -23.82 5.70
C VAL C 30 -4.97 -25.23 6.01
N ARG C 31 -5.90 -26.12 5.73
CA ARG C 31 -5.69 -27.55 5.82
C ARG C 31 -5.87 -28.24 4.47
N LEU C 32 -4.78 -28.62 3.84
CA LEU C 32 -4.84 -29.15 2.49
C LEU C 32 -5.40 -30.55 2.49
N ARG C 33 -6.07 -30.93 1.40
CA ARG C 33 -6.51 -32.29 1.23
C ARG C 33 -5.40 -33.06 0.53
N PRO C 34 -5.40 -34.40 0.65
CA PRO C 34 -4.30 -35.19 0.09
C PRO C 34 -4.39 -35.38 -1.42
N ARG C 35 -5.59 -35.70 -1.90
CA ARG C 35 -5.82 -35.81 -3.33
C ARG C 35 -6.53 -34.53 -3.75
N ALA C 36 -5.86 -33.73 -4.55
CA ALA C 36 -6.44 -32.51 -5.10
C ALA C 36 -7.71 -32.83 -5.89
N ALA C 37 -8.61 -31.87 -6.01
CA ALA C 37 -9.96 -32.08 -6.56
C ALA C 37 -10.25 -31.30 -7.86
N TYR C 38 -9.30 -31.34 -8.79
CA TYR C 38 -9.49 -30.68 -10.07
C TYR C 38 -10.73 -31.36 -10.67
N PRO C 39 -11.58 -30.61 -11.41
CA PRO C 39 -12.29 -31.30 -12.53
C PRO C 39 -11.08 -31.56 -13.47
N ASP C 40 -11.19 -32.18 -14.64
CA ASP C 40 -9.93 -32.57 -15.34
C ASP C 40 -9.13 -33.56 -14.47
N GLU C 43 -5.36 -35.41 -11.34
CA GLU C 43 -4.38 -36.36 -10.79
C GLU C 43 -3.28 -35.80 -9.82
N THR C 44 -3.24 -34.50 -9.48
CA THR C 44 -2.17 -33.95 -8.56
C THR C 44 -2.42 -34.17 -7.05
N THR C 45 -1.42 -33.86 -6.21
CA THR C 45 -1.60 -33.92 -4.73
C THR C 45 -2.05 -32.57 -4.28
N GLY C 46 -2.49 -32.49 -3.05
CA GLY C 46 -2.99 -31.24 -2.51
C GLY C 46 -1.91 -30.19 -2.43
N ALA C 47 -0.77 -30.58 -1.88
CA ALA C 47 0.31 -29.62 -1.63
C ALA C 47 0.91 -29.10 -2.91
N GLU C 48 0.89 -29.88 -3.97
CA GLU C 48 1.33 -29.41 -5.28
C GLU C 48 0.30 -28.39 -5.76
N ALA C 49 -0.98 -28.72 -5.62
CA ALA C 49 -2.06 -27.84 -6.06
C ALA C 49 -2.04 -26.49 -5.34
N TYR C 50 -1.75 -26.49 -4.05
CA TYR C 50 -1.66 -25.25 -3.31
C TYR C 50 -0.46 -24.45 -3.79
N ALA C 51 0.69 -25.09 -3.92
CA ALA C 51 1.88 -24.39 -4.40
C ALA C 51 1.67 -23.71 -5.76
N ALA C 52 0.82 -24.29 -6.61
CA ALA C 52 0.38 -23.62 -7.83
C ALA C 52 -0.19 -22.26 -7.49
N TYR C 53 -1.32 -22.25 -6.79
CA TYR C 53 -1.95 -21.03 -6.30
C TYR C 53 -0.93 -20.02 -5.82
N GLY C 54 -0.01 -20.46 -4.95
CA GLY C 54 1.06 -19.60 -4.43
C GLY C 54 1.91 -18.96 -5.52
N ARG C 55 2.43 -19.79 -6.42
CA ARG C 55 3.24 -19.29 -7.53
C ARG C 55 2.48 -18.28 -8.38
N ASP C 56 1.18 -18.50 -8.54
CA ASP C 56 0.34 -17.64 -9.35
C ASP C 56 -0.21 -16.43 -8.59
N SER C 57 -0.62 -16.60 -7.33
CA SER C 57 -1.16 -15.47 -6.55
C SER C 57 -0.10 -14.38 -6.32
N GLY C 58 1.05 -14.74 -5.75
CA GLY C 58 2.11 -13.78 -5.41
C GLY C 58 2.36 -12.52 -6.24
N PRO C 59 2.49 -12.66 -7.57
CA PRO C 59 2.76 -11.55 -8.48
C PRO C 59 1.66 -10.49 -8.39
N VAL C 60 0.41 -10.93 -8.40
CA VAL C 60 -0.71 -10.03 -8.18
C VAL C 60 -0.61 -9.36 -6.80
N PHE C 61 -0.60 -10.18 -5.74
CA PHE C 61 -0.53 -9.69 -4.36
C PHE C 61 0.66 -8.72 -4.14
N GLU C 62 1.84 -9.02 -4.70
CA GLU C 62 3.03 -8.13 -4.59
C GLU C 62 2.67 -6.77 -5.15
N ARG C 63 2.07 -6.78 -6.32
CA ARG C 63 1.74 -5.59 -7.08
C ARG C 63 0.78 -4.63 -6.40
N LEU C 64 -0.28 -5.18 -5.80
CA LEU C 64 -1.30 -4.42 -5.09
C LEU C 64 -0.90 -4.15 -3.63
N GLY C 65 0.28 -4.64 -3.25
CA GLY C 65 0.90 -4.27 -1.98
C GLY C 65 0.61 -5.17 -0.80
N GLY C 66 0.15 -6.39 -1.07
CA GLY C 66 0.05 -7.42 -0.04
C GLY C 66 1.45 -7.87 0.34
N LYS C 67 1.63 -8.27 1.58
CA LYS C 67 2.89 -8.86 2.03
C LYS C 67 2.57 -9.87 3.13
N VAL C 68 3.27 -11.01 3.11
CA VAL C 68 3.12 -12.00 4.18
C VAL C 68 4.04 -11.60 5.32
N VAL C 69 3.43 -11.17 6.42
CA VAL C 69 4.12 -10.61 7.57
C VAL C 69 4.75 -11.70 8.43
N TRP C 70 3.96 -12.70 8.76
CA TRP C 70 4.38 -13.75 9.69
C TRP C 70 3.86 -15.06 9.17
N GLN C 71 4.52 -16.13 9.58
CA GLN C 71 4.15 -17.48 9.14
C GLN C 71 4.91 -18.50 9.98
N GLY C 72 4.17 -19.46 10.51
CA GLY C 72 4.75 -20.50 11.32
C GLY C 72 4.36 -21.87 10.85
N GLN C 73 4.98 -22.87 11.46
CA GLN C 73 4.76 -24.24 11.14
C GLN C 73 4.02 -24.92 12.27
N PHE C 74 2.89 -25.55 11.94
CA PHE C 74 2.08 -26.20 12.93
C PHE C 74 2.88 -27.28 13.61
N GLU C 75 2.93 -27.21 14.93
CA GLU C 75 3.62 -28.20 15.76
C GLU C 75 2.61 -28.95 16.65
N LEU C 76 1.75 -28.22 17.36
CA LEU C 76 0.77 -28.85 18.25
C LEU C 76 -0.53 -28.06 18.45
N LEU C 78 -2.28 -27.39 21.48
CA LEU C 78 -2.30 -27.49 22.95
C LEU C 78 -3.69 -27.22 23.59
N ILE C 79 -4.44 -26.25 23.11
CA ILE C 79 -5.84 -26.15 23.52
C ILE C 79 -6.66 -26.14 22.28
N GLY C 80 -7.65 -27.00 22.25
CA GLY C 80 -8.45 -27.22 21.05
C GLY C 80 -8.71 -28.68 20.74
N PRO C 81 -9.56 -28.94 19.73
CA PRO C 81 -9.94 -30.29 19.33
C PRO C 81 -8.81 -30.96 18.58
N GLN C 82 -8.46 -32.19 18.97
CA GLN C 82 -7.35 -32.90 18.33
C GLN C 82 -7.58 -33.08 16.83
N ASP C 83 -8.85 -33.24 16.42
CA ASP C 83 -9.24 -33.29 14.99
C ASP C 83 -8.53 -32.18 14.18
N GLU C 84 -8.70 -30.93 14.61
CA GLU C 84 -8.09 -29.76 13.95
C GLU C 84 -6.59 -29.88 13.85
N HIS C 85 -6.06 -29.60 12.66
CA HIS C 85 -4.62 -29.55 12.46
C HIS C 85 -4.37 -28.83 11.13
N TRP C 86 -3.63 -27.74 11.16
CA TRP C 86 -3.54 -26.88 10.02
C TRP C 86 -2.24 -27.12 9.34
N ASP C 87 -2.26 -27.17 8.01
CA ASP C 87 -1.06 -27.44 7.23
C ASP C 87 -0.33 -26.12 6.92
N HIS C 88 -1.03 -24.99 6.99
CA HIS C 88 -0.43 -23.66 6.79
C HIS C 88 -1.02 -22.62 7.70
N VAL C 89 -0.15 -21.86 8.34
CA VAL C 89 -0.61 -20.77 9.18
C VAL C 89 0.17 -19.53 8.82
N PHE C 90 -0.52 -18.45 8.45
CA PHE C 90 0.19 -17.22 8.12
C PHE C 90 -0.69 -15.98 8.18
N ILE C 91 -0.07 -14.83 8.31
CA ILE C 91 -0.78 -13.58 8.32
C ILE C 91 -0.30 -12.73 7.17
N ALA C 92 -1.20 -12.42 6.23
CA ALA C 92 -0.90 -11.52 5.11
C ALA C 92 -1.42 -10.17 5.46
N GLU C 93 -0.67 -9.14 5.08
CA GLU C 93 -1.06 -7.74 5.35
C GLU C 93 -1.41 -7.06 4.04
N TYR C 94 -2.49 -6.31 4.03
CA TYR C 94 -2.85 -5.51 2.87
C TYR C 94 -3.03 -4.12 3.37
N PRO C 95 -2.69 -3.12 2.54
CA PRO C 95 -2.77 -1.77 2.97
C PRO C 95 -4.18 -1.24 3.00
N SER C 96 -5.14 -1.94 2.41
CA SER C 96 -6.51 -1.45 2.43
C SER C 96 -7.50 -2.53 2.07
N VAL C 97 -8.73 -2.41 2.56
CA VAL C 97 -9.74 -3.37 2.19
C VAL C 97 -9.90 -3.31 0.68
N ALA C 98 -9.65 -2.13 0.11
CA ALA C 98 -9.79 -1.91 -1.32
C ALA C 98 -8.71 -2.60 -2.12
N ALA C 99 -7.49 -2.62 -1.60
CA ALA C 99 -6.42 -3.36 -2.23
C ALA C 99 -6.77 -4.82 -2.30
N PHE C 100 -7.26 -5.36 -1.20
CA PHE C 100 -7.67 -6.75 -1.18
C PHE C 100 -8.77 -7.07 -2.18
N VAL C 101 -9.81 -6.24 -2.25
CA VAL C 101 -10.91 -6.51 -3.18
C VAL C 101 -10.39 -6.53 -4.59
N GLU C 102 -9.59 -5.52 -4.93
CA GLU C 102 -9.05 -5.37 -6.28
C GLU C 102 -8.22 -6.58 -6.75
N ILE C 104 -9.01 -9.80 -5.63
CA ILE C 104 -10.01 -10.84 -5.87
C ILE C 104 -10.62 -10.74 -7.24
N ARG C 105 -10.53 -9.57 -7.85
CA ARG C 105 -11.15 -9.33 -9.13
C ARG C 105 -10.20 -9.47 -10.28
N ASP C 106 -8.92 -9.55 -10.00
CA ASP C 106 -7.93 -9.66 -11.05
C ASP C 106 -8.06 -10.98 -11.80
N PRO C 107 -8.19 -10.92 -13.13
CA PRO C 107 -8.08 -12.05 -14.01
C PRO C 107 -7.07 -13.11 -13.57
N VAL C 108 -5.82 -12.70 -13.35
CA VAL C 108 -4.77 -13.65 -13.02
C VAL C 108 -5.16 -14.32 -11.73
N TYR C 109 -5.58 -13.55 -10.73
CA TYR C 109 -5.99 -14.15 -9.45
C TYR C 109 -7.13 -15.09 -9.71
N ARG C 110 -8.21 -14.55 -10.25
CA ARG C 110 -9.43 -15.34 -10.51
C ARG C 110 -9.12 -16.72 -11.09
N GLU C 111 -8.19 -16.83 -12.05
CA GLU C 111 -7.77 -18.14 -12.59
C GLU C 111 -6.95 -18.97 -11.59
N ALA C 112 -6.04 -18.35 -10.87
CA ALA C 112 -5.20 -19.05 -9.91
C ALA C 112 -5.89 -19.54 -8.64
N VAL C 113 -7.06 -19.02 -8.31
CA VAL C 113 -7.75 -19.49 -7.13
C VAL C 113 -8.39 -20.82 -7.44
N LYS C 114 -8.61 -21.10 -8.72
CA LYS C 114 -9.09 -22.41 -9.14
C LYS C 114 -8.20 -23.51 -8.53
N HIS C 115 -6.90 -23.24 -8.47
CA HIS C 115 -5.96 -24.17 -7.84
C HIS C 115 -6.24 -24.32 -6.36
N ARG C 116 -6.36 -23.21 -5.66
CA ARG C 116 -6.67 -23.25 -4.23
C ARG C 116 -7.97 -23.98 -4.02
N GLN C 117 -8.99 -23.63 -4.82
CA GLN C 117 -10.32 -24.21 -4.67
C GLN C 117 -10.22 -25.76 -4.69
N ALA C 118 -9.25 -26.28 -5.44
CA ALA C 118 -9.01 -27.72 -5.58
C ALA C 118 -8.06 -28.35 -4.52
N ALA C 119 -7.28 -27.56 -3.82
CA ALA C 119 -6.28 -28.07 -2.89
C ALA C 119 -6.78 -28.13 -1.46
N VAL C 120 -7.69 -27.23 -1.09
CA VAL C 120 -8.09 -27.07 0.31
C VAL C 120 -9.18 -28.04 0.76
N GLU C 121 -8.90 -28.82 1.81
CA GLU C 121 -9.95 -29.62 2.50
C GLU C 121 -10.75 -28.71 3.45
N ASP C 122 -10.09 -27.78 4.12
CA ASP C 122 -10.77 -26.82 4.99
C ASP C 122 -9.86 -25.68 5.34
N SER C 123 -10.41 -24.49 5.55
CA SER C 123 -9.60 -23.35 5.92
C SER C 123 -10.33 -22.36 6.76
N ARG C 124 -9.57 -21.44 7.35
CA ARG C 124 -10.11 -20.23 8.00
C ARG C 124 -9.37 -19.00 7.53
N LEU C 125 -10.10 -17.91 7.39
CA LEU C 125 -9.51 -16.65 6.94
C LEU C 125 -10.16 -15.53 7.73
N ILE C 126 -9.43 -14.97 8.67
CA ILE C 126 -10.01 -14.02 9.60
C ILE C 126 -9.48 -12.64 9.31
N ARG C 127 -10.35 -11.65 9.31
CA ARG C 127 -9.90 -10.29 9.07
C ARG C 127 -9.64 -9.61 10.39
N LEU C 128 -8.43 -9.07 10.56
CA LEU C 128 -8.02 -8.45 11.82
C LEU C 128 -7.52 -6.98 11.61
N LYS C 129 -7.86 -6.05 12.51
CA LYS C 129 -7.24 -4.71 12.53
C LYS C 129 -6.08 -4.78 13.50
N PRO C 130 -4.85 -4.81 13.01
CA PRO C 130 -3.69 -4.98 13.88
C PRO C 130 -3.59 -3.92 14.95
N LEU C 131 -3.04 -4.27 16.10
CA LEU C 131 -2.90 -3.38 17.23
C LEU C 131 -1.44 -3.29 17.69
N LYS C 132 -1.15 -2.36 18.62
CA LYS C 132 0.19 -2.27 19.25
C LYS C 132 0.34 -3.44 20.23
N PRO C 133 1.39 -4.29 20.08
CA PRO C 133 1.77 -5.32 21.11
C PRO C 133 1.78 -4.90 22.62
N THR D 2 -19.10 -28.68 24.72
CA THR D 2 -18.20 -28.46 23.54
C THR D 2 -17.50 -27.08 23.57
N GLY D 3 -16.69 -26.84 24.61
CA GLY D 3 -15.89 -25.63 24.76
C GLY D 3 -14.57 -26.02 25.36
N HIS D 4 -13.48 -25.55 24.77
CA HIS D 4 -12.13 -25.97 25.12
C HIS D 4 -11.47 -24.85 25.89
N ILE D 5 -11.25 -25.06 27.17
CA ILE D 5 -10.73 -24.01 28.01
C ILE D 5 -9.27 -24.22 28.37
N ASP D 6 -8.94 -25.46 28.71
CA ASP D 6 -7.62 -25.83 29.20
C ASP D 6 -7.14 -27.12 28.47
N PRO D 7 -5.83 -27.36 28.40
CA PRO D 7 -5.28 -28.50 27.64
C PRO D 7 -5.43 -29.85 28.34
N THR D 8 -5.21 -30.95 27.62
CA THR D 8 -5.25 -32.29 28.22
C THR D 8 -3.94 -32.69 28.86
N LYS D 9 -4.03 -33.44 29.94
CA LYS D 9 -2.88 -34.14 30.52
C LYS D 9 -2.02 -34.81 29.44
N GLU D 10 -2.70 -35.55 28.57
CA GLU D 10 -2.08 -36.37 27.55
C GLU D 10 -1.36 -35.51 26.52
N VAL D 11 -2.03 -34.46 26.08
CA VAL D 11 -1.52 -33.60 25.01
C VAL D 11 -0.40 -32.70 25.51
N PHE D 12 -0.41 -32.41 26.80
CA PHE D 12 0.57 -31.53 27.32
C PHE D 12 1.89 -32.26 27.39
N ALA D 13 1.88 -33.57 27.46
CA ALA D 13 3.14 -34.32 27.41
C ALA D 13 3.68 -34.26 26.02
N GLN D 14 2.82 -34.46 25.05
CA GLN D 14 3.28 -34.37 23.68
C GLN D 14 4.00 -33.06 23.47
N PHE D 15 3.55 -32.01 24.15
CA PHE D 15 4.19 -30.71 24.12
C PHE D 15 5.57 -30.75 24.74
N ARG D 16 5.68 -31.21 25.97
CA ARG D 16 6.98 -31.26 26.62
C ARG D 16 7.90 -32.22 25.89
N ALA D 17 7.30 -33.28 25.35
CA ALA D 17 8.01 -34.30 24.60
C ALA D 17 8.85 -33.73 23.49
N ASN D 18 8.36 -32.65 22.89
CA ASN D 18 8.89 -32.20 21.62
C ASN D 18 10.16 -31.38 21.71
N ASP D 19 10.16 -30.32 22.51
CA ASP D 19 11.39 -29.55 22.85
C ASP D 19 12.58 -29.36 21.84
N ARG D 20 12.32 -29.20 20.54
CA ARG D 20 13.34 -28.71 19.63
C ARG D 20 13.85 -27.47 20.27
N GLU D 21 15.12 -27.16 20.05
CA GLU D 21 15.66 -25.88 20.50
C GLU D 21 15.23 -24.89 19.47
N GLY D 22 14.45 -23.90 19.84
CA GLY D 22 14.08 -22.84 18.91
C GLY D 22 13.28 -21.93 19.78
N PRO D 23 12.66 -20.92 19.23
CA PRO D 23 11.66 -20.28 20.00
C PRO D 23 10.32 -20.84 19.59
N ILE D 24 9.24 -20.43 20.24
CA ILE D 24 7.93 -20.91 19.90
C ILE D 24 6.93 -19.79 19.84
N HIS D 25 5.94 -20.01 19.00
CA HIS D 25 4.89 -19.07 18.78
C HIS D 25 3.55 -19.69 19.13
N LEU D 27 -0.12 -19.23 19.00
CA LEU D 27 -1.30 -18.57 18.45
C LEU D 27 -2.46 -18.81 19.38
N ASN D 28 -3.03 -17.71 19.87
CA ASN D 28 -4.04 -17.74 20.90
C ASN D 28 -5.34 -17.22 20.36
N LEU D 29 -6.38 -18.04 20.33
CA LEU D 29 -7.69 -17.56 19.89
C LEU D 29 -8.70 -17.71 20.99
N VAL D 30 -9.03 -16.61 21.67
CA VAL D 30 -9.89 -16.66 22.85
C VAL D 30 -11.23 -16.05 22.61
N ARG D 31 -12.26 -16.77 23.04
CA ARG D 31 -13.63 -16.26 23.01
C ARG D 31 -14.24 -16.19 24.42
N LEU D 32 -14.30 -14.98 24.98
CA LEU D 32 -14.69 -14.81 26.37
C LEU D 32 -16.18 -15.08 26.52
N ARG D 33 -16.60 -15.60 27.66
CA ARG D 33 -18.02 -15.74 27.95
C ARG D 33 -18.48 -14.43 28.57
N PRO D 34 -19.79 -14.18 28.59
CA PRO D 34 -20.31 -12.91 29.11
C PRO D 34 -20.46 -12.83 30.64
N ARG D 35 -20.85 -13.94 31.25
CA ARG D 35 -20.94 -14.03 32.69
C ARG D 35 -19.79 -14.94 33.07
N ALA D 36 -18.81 -14.39 33.78
CA ALA D 36 -17.69 -15.17 34.29
C ALA D 36 -18.20 -16.30 35.22
N ALA D 37 -17.42 -17.38 35.34
CA ALA D 37 -17.85 -18.61 36.02
C ALA D 37 -17.05 -18.95 37.27
N TYR D 38 -16.81 -17.95 38.12
CA TYR D 38 -16.11 -18.20 39.36
C TYR D 38 -16.98 -19.22 40.11
N PRO D 39 -16.35 -20.17 40.88
CA PRO D 39 -17.06 -20.63 42.10
C PRO D 39 -17.03 -19.34 42.93
N ASP D 40 -17.51 -19.24 44.16
CA ASP D 40 -17.55 -17.88 44.77
C ASP D 40 -18.42 -16.93 43.91
N GLU D 43 -19.78 -13.10 40.57
CA GLU D 43 -20.55 -11.97 40.01
C GLU D 43 -19.85 -11.09 38.92
N THR D 44 -18.60 -11.35 38.50
CA THR D 44 -17.94 -10.48 37.45
C THR D 44 -18.32 -10.79 35.98
N THR D 45 -17.90 -9.93 35.05
CA THR D 45 -18.11 -10.20 33.61
C THR D 45 -16.92 -10.95 33.10
N GLY D 46 -17.04 -11.49 31.89
CA GLY D 46 -15.97 -12.27 31.33
C GLY D 46 -14.75 -11.44 31.08
N ALA D 47 -14.95 -10.29 30.45
CA ALA D 47 -13.81 -9.46 30.04
C ALA D 47 -13.06 -8.90 31.23
N GLU D 48 -13.75 -8.67 32.35
CA GLU D 48 -13.09 -8.25 33.58
C GLU D 48 -12.24 -9.44 34.08
N ALA D 49 -12.84 -10.62 34.08
CA ALA D 49 -12.17 -11.84 34.54
C ALA D 49 -10.91 -12.15 33.72
N TYR D 50 -10.97 -11.94 32.41
CA TYR D 50 -9.80 -12.15 31.58
C TYR D 50 -8.75 -11.13 31.90
N ALA D 51 -9.12 -9.86 31.96
CA ALA D 51 -8.16 -8.80 32.29
C ALA D 51 -7.42 -9.05 33.62
N ALA D 52 -8.09 -9.70 34.57
CA ALA D 52 -7.41 -10.18 35.78
C ALA D 52 -6.23 -11.06 35.40
N TYR D 53 -6.51 -12.21 34.79
CA TYR D 53 -5.46 -13.11 34.29
C TYR D 53 -4.33 -12.37 33.64
N GLY D 54 -4.65 -11.45 32.74
CA GLY D 54 -3.63 -10.63 32.07
C GLY D 54 -2.73 -9.84 33.04
N ARG D 55 -3.36 -9.10 33.95
CA ARG D 55 -2.64 -8.33 34.96
C ARG D 55 -1.73 -9.22 35.80
N ASP D 56 -2.19 -10.43 36.07
CA ASP D 56 -1.44 -11.37 36.89
C ASP D 56 -0.42 -12.20 36.09
N SER D 57 -0.77 -12.65 34.89
CA SER D 57 0.16 -13.48 34.09
C SER D 57 1.41 -12.75 33.55
N GLY D 58 1.26 -11.49 33.15
CA GLY D 58 2.36 -10.71 32.54
C GLY D 58 3.68 -10.86 33.31
N PRO D 59 3.72 -10.34 34.54
CA PRO D 59 4.91 -10.36 35.39
C PRO D 59 5.70 -11.65 35.30
N VAL D 60 5.02 -12.77 35.44
CA VAL D 60 5.66 -14.06 35.26
C VAL D 60 6.22 -14.18 33.82
N PHE D 61 5.33 -14.11 32.83
CA PHE D 61 5.73 -14.24 31.44
C PHE D 61 6.89 -13.29 31.07
N GLU D 62 6.87 -12.04 31.53
CA GLU D 62 7.97 -11.06 31.25
C GLU D 62 9.29 -11.62 31.74
N ARG D 63 9.23 -12.16 32.95
CA ARG D 63 10.40 -12.67 33.65
C ARG D 63 11.07 -13.87 33.01
N LEU D 64 10.26 -14.82 32.54
CA LEU D 64 10.73 -16.01 31.85
C LEU D 64 10.93 -15.76 30.34
N GLY D 65 10.67 -14.54 29.91
CA GLY D 65 11.07 -14.10 28.57
C GLY D 65 10.04 -14.28 27.49
N GLY D 66 8.78 -14.48 27.88
CA GLY D 66 7.67 -14.44 26.93
C GLY D 66 7.47 -13.01 26.47
N LYS D 67 7.01 -12.82 25.26
CA LYS D 67 6.65 -11.48 24.76
C LYS D 67 5.53 -11.65 23.76
N VAL D 68 4.54 -10.76 23.80
CA VAL D 68 3.45 -10.79 22.81
C VAL D 68 3.89 -10.06 21.56
N VAL D 69 4.13 -10.82 20.49
CA VAL D 69 4.72 -10.35 19.26
C VAL D 69 3.72 -9.58 18.42
N TRP D 70 2.55 -10.18 18.20
CA TRP D 70 1.54 -9.62 17.33
C TRP D 70 0.20 -9.80 17.99
N GLN D 71 -0.75 -8.97 17.60
CA GLN D 71 -2.10 -9.00 18.16
C GLN D 71 -3.01 -8.12 17.31
N GLY D 72 -4.13 -8.70 16.90
CA GLY D 72 -5.13 -7.96 16.13
C GLY D 72 -6.52 -8.01 16.73
N GLN D 73 -7.40 -7.21 16.14
CA GLN D 73 -8.75 -7.11 16.58
C GLN D 73 -9.66 -7.78 15.58
N PHE D 74 -10.47 -8.72 16.06
CA PHE D 74 -11.36 -9.45 15.20
C PHE D 74 -12.31 -8.51 14.51
N GLU D 75 -12.33 -8.58 13.19
CA GLU D 75 -13.24 -7.78 12.39
C GLU D 75 -14.26 -8.68 11.66
N LEU D 76 -13.79 -9.70 10.96
CA LEU D 76 -14.68 -10.58 10.20
C LEU D 76 -14.17 -12.02 10.06
N LEU D 78 -14.15 -14.07 7.15
CA LEU D 78 -14.37 -14.18 5.70
C LEU D 78 -14.46 -15.65 5.17
N ILE D 79 -13.61 -16.54 5.63
CA ILE D 79 -13.81 -17.95 5.34
C ILE D 79 -13.87 -18.68 6.66
N GLY D 80 -14.91 -19.47 6.82
CA GLY D 80 -15.18 -20.13 8.10
C GLY D 80 -16.63 -20.05 8.54
N PRO D 81 -16.97 -20.75 9.63
CA PRO D 81 -18.31 -20.80 10.15
C PRO D 81 -18.68 -19.51 10.85
N GLN D 82 -19.83 -18.93 10.51
CA GLN D 82 -20.26 -17.66 11.09
C GLN D 82 -20.37 -17.74 12.63
N ASP D 83 -20.73 -18.91 13.17
CA ASP D 83 -20.74 -19.17 14.64
C ASP D 83 -19.45 -18.68 15.31
N GLU D 84 -18.31 -19.13 14.78
CA GLU D 84 -16.99 -18.73 15.30
C GLU D 84 -16.80 -17.23 15.27
N HIS D 85 -16.35 -16.69 16.41
CA HIS D 85 -15.96 -15.28 16.47
C HIS D 85 -15.09 -15.10 17.71
N TRP D 86 -13.88 -14.60 17.55
CA TRP D 86 -12.93 -14.60 18.62
C TRP D 86 -12.87 -13.22 19.20
N ASP D 87 -12.77 -13.14 20.51
CA ASP D 87 -12.72 -11.86 21.21
C ASP D 87 -11.28 -11.41 21.38
N HIS D 88 -10.32 -12.34 21.30
CA HIS D 88 -8.87 -12.02 21.35
C HIS D 88 -8.02 -12.89 20.43
N VAL D 89 -7.16 -12.24 19.67
CA VAL D 89 -6.29 -12.96 18.79
C VAL D 89 -4.88 -12.41 18.97
N PHE D 90 -3.93 -13.28 19.30
CA PHE D 90 -2.56 -12.81 19.49
C PHE D 90 -1.54 -13.94 19.46
N ILE D 91 -0.29 -13.58 19.18
CA ILE D 91 0.78 -14.55 19.13
C ILE D 91 1.79 -14.17 20.18
N ALA D 92 2.01 -15.05 21.17
CA ALA D 92 3.04 -14.87 22.18
C ALA D 92 4.24 -15.68 21.78
N GLU D 93 5.42 -15.14 22.01
CA GLU D 93 6.67 -15.82 21.68
C GLU D 93 7.34 -16.21 22.97
N TYR D 94 7.86 -17.43 23.04
CA TYR D 94 8.68 -17.87 24.16
C TYR D 94 9.97 -18.37 23.60
N PRO D 95 11.07 -18.17 24.31
CA PRO D 95 12.36 -18.57 23.79
C PRO D 95 12.59 -20.06 23.86
N SER D 96 11.76 -20.82 24.56
CA SER D 96 11.98 -22.27 24.61
C SER D 96 10.75 -22.98 25.12
N VAL D 97 10.58 -24.24 24.74
CA VAL D 97 9.47 -25.00 25.28
C VAL D 97 9.62 -25.05 26.79
N ALA D 98 10.86 -25.01 27.25
CA ALA D 98 11.18 -25.08 28.67
C ALA D 98 10.78 -23.82 29.42
N ALA D 99 10.98 -22.66 28.80
CA ALA D 99 10.51 -21.43 29.40
C ALA D 99 9.02 -21.48 29.59
N PHE D 100 8.30 -21.92 28.58
CA PHE D 100 6.87 -22.03 28.70
C PHE D 100 6.45 -22.94 29.82
N VAL D 101 7.03 -24.12 29.92
CA VAL D 101 6.63 -25.07 30.94
C VAL D 101 6.82 -24.47 32.32
N GLU D 102 8.00 -23.89 32.52
CA GLU D 102 8.37 -23.29 33.80
C GLU D 102 7.36 -22.21 34.26
N ILE D 104 4.00 -22.36 33.42
CA ILE D 104 2.80 -23.10 33.84
C ILE D 104 2.91 -23.62 35.25
N ARG D 105 4.12 -23.75 35.76
CA ARG D 105 4.33 -24.33 37.06
C ARG D 105 4.48 -23.29 38.13
N ASP D 106 4.64 -22.04 37.74
CA ASP D 106 4.82 -20.97 38.70
C ASP D 106 3.56 -20.78 39.57
N PRO D 107 3.72 -20.83 40.90
CA PRO D 107 2.71 -20.42 41.86
C PRO D 107 1.83 -19.27 41.38
N VAL D 108 2.45 -18.14 41.06
CA VAL D 108 1.69 -16.95 40.70
C VAL D 108 0.87 -17.28 39.49
N TYR D 109 1.46 -17.90 38.47
CA TYR D 109 0.70 -18.26 37.26
C TYR D 109 -0.42 -19.17 37.69
N ARG D 110 -0.07 -20.29 38.31
CA ARG D 110 -1.06 -21.28 38.72
C ARG D 110 -2.30 -20.64 39.38
N GLU D 111 -2.14 -19.65 40.25
CA GLU D 111 -3.29 -18.95 40.84
C GLU D 111 -4.03 -18.05 39.83
N ALA D 112 -3.29 -17.33 39.00
CA ALA D 112 -3.89 -16.44 38.01
C ALA D 112 -4.63 -17.10 36.84
N VAL D 113 -4.37 -18.39 36.58
CA VAL D 113 -5.06 -19.07 35.50
C VAL D 113 -6.47 -19.35 35.95
N LYS D 114 -6.68 -19.43 37.26
CA LYS D 114 -8.02 -19.61 37.82
C LYS D 114 -8.96 -18.54 37.22
N HIS D 115 -8.45 -17.34 37.03
CA HIS D 115 -9.22 -16.28 36.39
C HIS D 115 -9.55 -16.63 34.95
N ARG D 116 -8.56 -17.04 34.18
CA ARG D 116 -8.78 -17.43 32.79
C ARG D 116 -9.76 -18.57 32.75
N GLN D 117 -9.56 -19.54 33.63
CA GLN D 117 -10.42 -20.73 33.63
C GLN D 117 -11.89 -20.29 33.70
N ALA D 118 -12.13 -19.19 34.41
CA ALA D 118 -13.46 -18.65 34.64
C ALA D 118 -13.99 -17.69 33.56
N ALA D 119 -13.12 -17.14 32.73
CA ALA D 119 -13.50 -16.12 31.76
C ALA D 119 -13.78 -16.69 30.38
N VAL D 120 -13.11 -17.78 30.03
CA VAL D 120 -13.15 -18.30 28.66
C VAL D 120 -14.34 -19.21 28.38
N GLU D 121 -15.15 -18.86 27.37
CA GLU D 121 -16.20 -19.74 26.84
C GLU D 121 -15.59 -20.78 25.88
N ASP D 122 -14.60 -20.37 25.09
CA ASP D 122 -13.88 -21.31 24.22
C ASP D 122 -12.59 -20.70 23.74
N SER D 123 -11.55 -21.54 23.61
CA SER D 123 -10.19 -21.10 23.24
C SER D 123 -9.59 -21.97 22.15
N ARG D 124 -8.59 -21.44 21.44
CA ARG D 124 -7.59 -22.25 20.74
C ARG D 124 -6.17 -21.73 21.06
N LEU D 125 -5.24 -22.67 21.18
CA LEU D 125 -3.86 -22.34 21.48
C LEU D 125 -3.00 -23.27 20.66
N ILE D 126 -2.38 -22.74 19.62
CA ILE D 126 -1.63 -23.54 18.67
C ILE D 126 -0.16 -23.28 18.81
N ARG D 127 0.64 -24.35 18.83
CA ARG D 127 2.08 -24.19 18.94
C ARG D 127 2.70 -24.14 17.55
N LEU D 128 3.47 -23.09 17.24
CA LEU D 128 4.04 -22.93 15.90
C LEU D 128 5.53 -22.69 15.93
N LYS D 129 6.30 -23.32 15.03
CA LYS D 129 7.74 -23.00 14.86
C LYS D 129 7.83 -21.94 13.81
N PRO D 130 8.08 -20.69 14.20
CA PRO D 130 8.08 -19.59 13.24
C PRO D 130 9.06 -19.78 12.11
N LEU D 131 8.74 -19.24 10.95
CA LEU D 131 9.56 -19.39 9.76
C LEU D 131 9.91 -18.01 9.18
N LYS D 132 10.78 -17.98 8.17
CA LYS D 132 11.06 -16.73 7.39
C LYS D 132 9.82 -16.42 6.51
N PRO D 133 9.25 -15.18 6.62
CA PRO D 133 8.25 -14.68 5.62
C PRO D 133 8.55 -14.86 4.10
#